data_4WLM
#
_entry.id   4WLM
#
_cell.length_a   89.306
_cell.length_b   89.306
_cell.length_c   154.303
_cell.angle_alpha   90.00
_cell.angle_beta   90.00
_cell.angle_gamma   120.00
#
_symmetry.space_group_name_H-M   'P 31 2 1'
#
loop_
_entity.id
_entity.type
_entity.pdbx_description
1 polymer 'Xyloside xylosyltransferase 1'
2 non-polymer 'SULFATE ION'
3 non-polymer 'MANGANESE (II) ION'
#
_entity_poly.entity_id   1
_entity_poly.type   'polypeptide(L)'
_entity_poly.pdbx_seq_one_letter_code
;SLEGGVVVPVDYHLLMMFTKAEHNAPLQAKARVALSSLLRLAKFEAHEVLNLHFVSEEASREVAKALLRELLPPAAGFKC
KVIFHDVAVLTDKLFPVVEAMQKYFSAGSGTYYSDSIFFLSVAMHQIMPKEIPRIIQLDLDLKYKTNIRELFEEFDNFLP
GAVIGIAREMQPVYRHTFWQFRHENPKTRVGDPPPEGLPGFNSGVMLLNLEAMRQSPLYSHLLEPSWVQQLADKYHFRGH
LGDQDFFTMIGMEHPELFHVLDCTWNRQLCTWWRDHGYSDVFQAYFRCEGHVKIYHGNCNTPIPED
;
_entity_poly.pdbx_strand_id   A,B
#
# COMPACT_ATOMS: atom_id res chain seq x y z
N PRO A 9 2.09 -29.30 -12.54
CA PRO A 9 3.32 -28.57 -12.87
C PRO A 9 3.22 -27.09 -12.54
N VAL A 10 4.27 -26.54 -11.92
CA VAL A 10 4.32 -25.12 -11.56
C VAL A 10 5.43 -24.42 -12.32
N ASP A 11 5.10 -23.30 -12.96
CA ASP A 11 6.04 -22.58 -13.81
C ASP A 11 6.75 -21.43 -13.07
N TYR A 12 8.04 -21.29 -13.34
CA TYR A 12 8.83 -20.16 -12.84
C TYR A 12 9.41 -19.41 -14.03
N HIS A 13 9.07 -18.12 -14.12
CA HIS A 13 9.42 -17.33 -15.30
C HIS A 13 10.53 -16.34 -15.05
N LEU A 14 11.57 -16.43 -15.89
CA LEU A 14 12.68 -15.46 -15.88
C LEU A 14 12.77 -14.78 -17.24
N LEU A 15 13.02 -13.47 -17.23
CA LEU A 15 13.19 -12.72 -18.46
C LEU A 15 14.57 -12.06 -18.52
N MET A 16 15.17 -12.10 -19.71
CA MET A 16 16.46 -11.47 -19.97
C MET A 16 16.48 -10.77 -21.32
N MET A 17 17.01 -9.56 -21.35
CA MET A 17 17.21 -8.80 -22.58
C MET A 17 18.50 -9.28 -23.25
N PHE A 18 18.40 -9.71 -24.50
CA PHE A 18 19.54 -10.22 -25.23
C PHE A 18 19.56 -9.64 -26.65
N THR A 19 19.93 -8.37 -26.75
CA THR A 19 19.88 -7.62 -28.00
C THR A 19 21.27 -7.14 -28.41
N LYS A 20 21.52 -7.16 -29.72
CA LYS A 20 22.80 -6.73 -30.32
C LYS A 20 24.00 -7.54 -29.81
N ALA A 21 23.76 -8.82 -29.56
CA ALA A 21 24.78 -9.73 -29.07
C ALA A 21 25.68 -10.24 -30.19
N GLU A 22 25.14 -10.24 -31.42
CA GLU A 22 25.89 -10.66 -32.59
C GLU A 22 27.17 -9.86 -32.76
N HIS A 23 28.30 -10.56 -32.80
CA HIS A 23 29.64 -9.96 -32.88
C HIS A 23 29.97 -9.00 -31.76
N ASN A 24 29.32 -9.21 -30.62
CA ASN A 24 29.58 -8.45 -29.40
C ASN A 24 30.27 -9.33 -28.38
N ALA A 25 31.57 -9.11 -28.20
CA ALA A 25 32.39 -9.94 -27.30
C ALA A 25 32.13 -9.68 -25.80
N PRO A 26 32.17 -8.41 -25.36
CA PRO A 26 31.90 -8.13 -23.94
C PRO A 26 30.51 -8.56 -23.46
N LEU A 27 29.50 -8.46 -24.33
CA LEU A 27 28.14 -8.88 -23.98
C LEU A 27 28.04 -10.40 -23.86
N GLN A 28 28.68 -11.11 -24.80
CA GLN A 28 28.70 -12.57 -24.79
C GLN A 28 29.52 -13.13 -23.62
N ALA A 29 30.58 -12.41 -23.24
CA ALA A 29 31.39 -12.78 -22.08
C ALA A 29 30.60 -12.62 -20.78
N LYS A 30 29.78 -11.56 -20.72
CA LYS A 30 28.90 -11.30 -19.58
C LYS A 30 27.85 -12.39 -19.44
N ALA A 31 27.19 -12.72 -20.56
CA ALA A 31 26.13 -13.73 -20.59
C ALA A 31 26.64 -15.11 -20.20
N ARG A 32 27.90 -15.38 -20.50
CA ARG A 32 28.53 -16.64 -20.13
C ARG A 32 28.68 -16.75 -18.61
N VAL A 33 29.10 -15.66 -17.97
CA VAL A 33 29.22 -15.60 -16.51
C VAL A 33 27.83 -15.69 -15.86
N ALA A 34 26.87 -14.98 -16.44
CA ALA A 34 25.51 -14.93 -15.92
C ALA A 34 24.76 -16.25 -16.04
N LEU A 35 24.64 -16.76 -17.26
CA LEU A 35 23.86 -17.97 -17.54
C LEU A 35 24.47 -19.25 -16.97
N SER A 36 25.81 -19.30 -16.87
CA SER A 36 26.49 -20.45 -16.29
C SER A 36 26.16 -20.58 -14.81
N SER A 37 26.42 -19.51 -14.05
CA SER A 37 26.15 -19.48 -12.61
C SER A 37 24.67 -19.70 -12.28
N LEU A 38 23.79 -19.13 -13.12
CA LEU A 38 22.35 -19.30 -12.95
C LEU A 38 21.93 -20.76 -13.02
N LEU A 39 22.42 -21.47 -14.03
CA LEU A 39 22.03 -22.86 -14.29
C LEU A 39 22.80 -23.88 -13.44
N ARG A 40 24.06 -23.56 -13.14
CA ARG A 40 24.93 -24.42 -12.33
C ARG A 40 24.43 -24.52 -10.89
N LEU A 41 23.82 -23.45 -10.40
CA LEU A 41 23.38 -23.38 -9.01
C LEU A 41 21.86 -23.49 -8.85
N ALA A 42 21.16 -23.55 -9.98
CA ALA A 42 19.70 -23.72 -9.98
C ALA A 42 19.29 -25.13 -9.57
N LYS A 43 18.33 -25.22 -8.67
CA LYS A 43 17.78 -26.51 -8.24
C LYS A 43 16.28 -26.43 -7.96
N PHE A 44 15.50 -27.03 -8.86
CA PHE A 44 14.04 -27.04 -8.76
C PHE A 44 13.50 -28.45 -8.56
N GLU A 45 12.30 -28.55 -8.01
CA GLU A 45 11.64 -29.84 -7.79
C GLU A 45 11.16 -30.44 -9.10
N ALA A 46 11.11 -31.78 -9.15
CA ALA A 46 10.83 -32.52 -10.38
C ALA A 46 9.53 -32.13 -11.11
N HIS A 47 8.50 -31.78 -10.34
CA HIS A 47 7.20 -31.44 -10.90
C HIS A 47 7.16 -30.07 -11.53
N GLU A 48 8.04 -29.18 -11.07
CA GLU A 48 8.04 -27.79 -11.51
C GLU A 48 9.08 -27.49 -12.60
N VAL A 49 8.77 -26.51 -13.44
CA VAL A 49 9.58 -26.17 -14.62
C VAL A 49 10.04 -24.71 -14.60
N LEU A 50 11.30 -24.48 -14.97
CA LEU A 50 11.85 -23.13 -15.08
C LEU A 50 11.78 -22.64 -16.52
N ASN A 51 11.13 -21.49 -16.71
CA ASN A 51 10.98 -20.89 -18.03
C ASN A 51 11.96 -19.74 -18.23
N LEU A 52 12.75 -19.81 -19.30
CA LEU A 52 13.73 -18.78 -19.62
C LEU A 52 13.31 -17.97 -20.85
N HIS A 53 12.70 -16.82 -20.60
CA HIS A 53 12.30 -15.91 -21.67
C HIS A 53 13.43 -15.01 -22.05
N PHE A 54 13.71 -14.96 -23.36
CA PHE A 54 14.69 -14.03 -23.90
C PHE A 54 14.01 -13.13 -24.92
N VAL A 55 14.31 -11.84 -24.89
CA VAL A 55 13.88 -10.96 -25.98
C VAL A 55 15.10 -10.66 -26.86
N SER A 56 15.03 -11.12 -28.10
CA SER A 56 16.14 -11.03 -29.04
C SER A 56 15.65 -10.87 -30.47
N GLU A 57 16.36 -10.08 -31.25
CA GLU A 57 16.14 -10.02 -32.69
C GLU A 57 16.74 -11.29 -33.30
N GLU A 58 16.29 -11.61 -34.52
CA GLU A 58 16.73 -12.80 -35.26
C GLU A 58 18.23 -13.10 -35.17
N ALA A 59 19.04 -12.03 -35.09
CA ALA A 59 20.50 -12.16 -35.02
C ALA A 59 20.98 -12.74 -33.69
N SER A 60 20.55 -12.14 -32.58
CA SER A 60 20.98 -12.55 -31.24
C SER A 60 20.28 -13.82 -30.74
N ARG A 61 19.12 -14.12 -31.32
CA ARG A 61 18.38 -15.35 -31.00
C ARG A 61 19.22 -16.60 -31.30
N GLU A 62 20.01 -16.51 -32.37
CA GLU A 62 20.96 -17.57 -32.74
C GLU A 62 22.09 -17.66 -31.71
N VAL A 63 22.64 -16.50 -31.34
CA VAL A 63 23.75 -16.39 -30.39
C VAL A 63 23.36 -16.98 -29.03
N ALA A 64 22.14 -16.69 -28.59
CA ALA A 64 21.61 -17.21 -27.34
C ALA A 64 21.45 -18.73 -27.39
N LYS A 65 20.64 -19.21 -28.35
CA LYS A 65 20.39 -20.65 -28.53
C LYS A 65 21.66 -21.49 -28.56
N ALA A 66 22.70 -20.97 -29.21
CA ALA A 66 23.99 -21.65 -29.29
C ALA A 66 24.72 -21.68 -27.95
N LEU A 67 24.51 -20.65 -27.13
CA LEU A 67 25.18 -20.54 -25.84
C LEU A 67 24.53 -21.43 -24.77
N LEU A 68 23.21 -21.60 -24.86
CA LEU A 68 22.48 -22.41 -23.88
C LEU A 68 22.72 -23.91 -24.04
N ARG A 69 23.05 -24.35 -25.26
CA ARG A 69 23.38 -25.74 -25.54
C ARG A 69 24.62 -26.21 -24.78
N GLU A 70 25.54 -25.28 -24.54
CA GLU A 70 26.77 -25.54 -23.80
C GLU A 70 26.50 -25.72 -22.32
N LEU A 71 25.35 -25.20 -21.85
CA LEU A 71 25.07 -25.11 -20.41
C LEU A 71 23.91 -25.99 -19.92
N LEU A 72 23.01 -26.37 -20.83
CA LEU A 72 21.86 -27.21 -20.47
C LEU A 72 22.18 -28.70 -20.53
N PHE A 78 15.39 -30.99 -13.28
CA PHE A 78 14.27 -30.12 -13.58
C PHE A 78 14.22 -29.74 -15.05
N LYS A 79 13.00 -29.55 -15.57
CA LYS A 79 12.83 -29.08 -16.95
C LYS A 79 13.03 -27.56 -16.99
N CYS A 80 13.65 -27.10 -18.07
CA CYS A 80 13.81 -25.66 -18.30
C CYS A 80 13.53 -25.27 -19.75
N LYS A 81 12.32 -24.76 -19.97
CA LYS A 81 11.88 -24.31 -21.29
C LYS A 81 12.55 -22.97 -21.63
N VAL A 82 13.07 -22.88 -22.85
CA VAL A 82 13.73 -21.66 -23.33
C VAL A 82 12.84 -20.96 -24.36
N ILE A 83 12.22 -19.87 -23.94
CA ILE A 83 11.28 -19.11 -24.78
C ILE A 83 11.98 -17.90 -25.39
N PHE A 84 11.71 -17.64 -26.66
CA PHE A 84 12.26 -16.47 -27.35
C PHE A 84 11.18 -15.49 -27.79
N HIS A 85 11.36 -14.24 -27.39
CA HIS A 85 10.44 -13.17 -27.73
C HIS A 85 11.06 -12.27 -28.74
N ASP A 86 10.27 -11.93 -29.76
CA ASP A 86 10.73 -11.08 -30.85
C ASP A 86 10.79 -9.64 -30.36
N VAL A 87 11.99 -9.04 -30.45
CA VAL A 87 12.22 -7.66 -30.03
C VAL A 87 11.20 -6.69 -30.64
N ALA A 88 11.02 -6.78 -31.95
CA ALA A 88 10.13 -5.88 -32.68
C ALA A 88 8.66 -6.04 -32.27
N VAL A 89 8.23 -7.28 -32.04
CA VAL A 89 6.86 -7.58 -31.62
C VAL A 89 6.54 -6.92 -30.28
N LEU A 90 7.47 -7.04 -29.33
CA LEU A 90 7.32 -6.42 -28.01
C LEU A 90 7.41 -4.89 -28.09
N THR A 91 8.34 -4.39 -28.90
CA THR A 91 8.52 -2.95 -29.13
C THR A 91 7.24 -2.32 -29.70
N ASP A 92 6.68 -2.99 -30.70
CA ASP A 92 5.45 -2.55 -31.37
C ASP A 92 4.27 -2.55 -30.41
N LYS A 93 4.25 -3.53 -29.49
CA LYS A 93 3.20 -3.63 -28.48
C LYS A 93 3.41 -2.60 -27.37
N LEU A 94 4.67 -2.32 -27.04
CA LEU A 94 5.02 -1.38 -25.96
C LEU A 94 4.75 0.09 -26.31
N PHE A 95 5.11 0.49 -27.52
CA PHE A 95 5.10 1.90 -27.94
C PHE A 95 3.85 2.72 -27.58
N PRO A 96 2.64 2.24 -27.92
CA PRO A 96 1.44 3.05 -27.59
C PRO A 96 1.19 3.23 -26.10
N VAL A 97 1.86 2.43 -25.28
CA VAL A 97 1.66 2.44 -23.82
C VAL A 97 2.78 3.21 -23.11
N VAL A 98 3.93 3.31 -23.77
CA VAL A 98 5.15 3.77 -23.11
C VAL A 98 5.80 5.00 -23.78
N GLU A 99 5.06 5.63 -24.69
CA GLU A 99 5.56 6.80 -25.42
C GLU A 99 5.69 8.03 -24.53
N ALA A 100 4.69 8.25 -23.68
CA ALA A 100 4.61 9.45 -22.84
C ALA A 100 5.68 9.53 -21.76
N MET A 101 6.54 8.51 -21.68
CA MET A 101 7.54 8.45 -20.62
C MET A 101 8.98 8.19 -21.10
N GLN A 102 9.20 8.19 -22.41
CA GLN A 102 10.57 8.17 -22.93
C GLN A 102 11.09 9.58 -23.19
N LYS A 103 10.20 10.55 -23.09
CA LYS A 103 10.57 11.98 -23.13
C LYS A 103 10.90 12.50 -21.73
N TYR A 104 10.71 11.63 -20.73
CA TYR A 104 10.98 11.98 -19.33
C TYR A 104 12.07 11.12 -18.70
N PHE A 105 12.17 9.86 -19.13
CA PHE A 105 13.11 8.91 -18.53
C PHE A 105 14.19 8.45 -19.51
N SER A 106 14.07 8.89 -20.76
CA SER A 106 15.11 8.72 -21.77
C SER A 106 15.25 10.02 -22.57
N ALA A 107 15.11 11.13 -21.86
CA ALA A 107 15.05 12.48 -22.44
C ALA A 107 16.06 12.74 -23.57
N TYR A 112 13.66 6.99 -31.44
CA TYR A 112 12.63 7.39 -30.49
C TYR A 112 11.60 6.28 -30.27
N TYR A 113 11.07 5.73 -31.37
CA TYR A 113 10.14 4.62 -31.34
C TYR A 113 10.83 3.32 -30.94
N SER A 114 12.01 3.09 -31.50
CA SER A 114 12.78 1.86 -31.32
C SER A 114 13.22 1.63 -29.87
N ASP A 115 13.27 2.71 -29.09
CA ASP A 115 13.72 2.66 -27.71
C ASP A 115 12.56 2.52 -26.72
N SER A 116 11.50 1.85 -27.17
CA SER A 116 10.35 1.54 -26.32
C SER A 116 10.55 0.25 -25.54
N ILE A 117 11.50 -0.56 -26.00
CA ILE A 117 11.78 -1.87 -25.38
C ILE A 117 12.56 -1.75 -24.06
N PHE A 118 13.14 -0.58 -23.80
CA PHE A 118 13.86 -0.33 -22.56
C PHE A 118 12.92 0.02 -21.41
N PHE A 119 11.62 -0.02 -21.70
CA PHE A 119 10.59 0.24 -20.71
C PHE A 119 9.68 -0.97 -20.55
N LEU A 120 10.16 -2.13 -20.97
CA LEU A 120 9.40 -3.38 -20.94
C LEU A 120 8.87 -3.73 -19.55
N SER A 121 9.74 -3.60 -18.54
CA SER A 121 9.38 -3.89 -17.15
C SER A 121 8.17 -3.08 -16.66
N VAL A 122 8.11 -1.81 -17.07
CA VAL A 122 7.03 -0.90 -16.68
C VAL A 122 5.65 -1.43 -17.08
N ALA A 123 5.56 -2.02 -18.27
CA ALA A 123 4.31 -2.57 -18.78
C ALA A 123 4.42 -4.06 -19.10
N MET A 124 5.13 -4.79 -18.24
CA MET A 124 5.33 -6.23 -18.41
C MET A 124 4.01 -7.00 -18.31
N HIS A 125 3.11 -6.51 -17.44
CA HIS A 125 1.81 -7.14 -17.22
C HIS A 125 0.91 -7.07 -18.42
N GLN A 126 0.98 -5.98 -19.16
CA GLN A 126 0.17 -5.79 -20.37
C GLN A 126 0.75 -6.50 -21.59
N ILE A 127 2.08 -6.67 -21.60
CA ILE A 127 2.77 -7.34 -22.70
C ILE A 127 2.72 -8.86 -22.54
N MET A 128 2.89 -9.35 -21.32
CA MET A 128 2.90 -10.78 -21.05
C MET A 128 1.49 -11.33 -20.86
N PRO A 129 1.26 -12.60 -21.26
CA PRO A 129 -0.06 -13.21 -21.16
C PRO A 129 -0.51 -13.41 -19.71
N LYS A 130 -1.83 -13.44 -19.50
CA LYS A 130 -2.43 -13.65 -18.19
C LYS A 130 -2.07 -15.02 -17.58
N GLU A 131 -1.66 -15.95 -18.45
CA GLU A 131 -1.17 -17.27 -18.05
C GLU A 131 0.03 -17.14 -17.12
N ILE A 132 0.82 -16.08 -17.32
CA ILE A 132 1.99 -15.79 -16.50
C ILE A 132 1.61 -14.79 -15.41
N PRO A 133 1.72 -15.20 -14.13
CA PRO A 133 1.39 -14.33 -13.00
C PRO A 133 2.57 -13.51 -12.48
N ARG A 134 3.77 -14.08 -12.53
CA ARG A 134 4.97 -13.47 -11.96
C ARG A 134 6.20 -13.74 -12.82
N ILE A 135 7.03 -12.71 -13.00
CA ILE A 135 8.27 -12.85 -13.76
C ILE A 135 9.40 -12.07 -13.09
N ILE A 136 10.64 -12.55 -13.27
CA ILE A 136 11.81 -11.84 -12.77
C ILE A 136 12.70 -11.40 -13.93
N GLN A 137 12.67 -10.11 -14.24
CA GLN A 137 13.57 -9.54 -15.24
C GLN A 137 14.98 -9.43 -14.66
N LEU A 138 15.95 -9.91 -15.42
CA LEU A 138 17.33 -9.95 -14.96
C LEU A 138 18.30 -9.41 -16.00
N ASP A 139 19.34 -8.72 -15.52
CA ASP A 139 20.44 -8.26 -16.37
C ASP A 139 21.35 -9.44 -16.75
N LEU A 140 22.31 -9.18 -17.64
CA LEU A 140 23.26 -10.20 -18.05
C LEU A 140 24.66 -9.94 -17.50
N ASP A 141 24.83 -8.80 -16.83
CA ASP A 141 26.07 -8.50 -16.12
C ASP A 141 25.96 -8.92 -14.65
N LEU A 142 25.24 -10.02 -14.43
CA LEU A 142 25.02 -10.58 -13.10
C LEU A 142 25.84 -11.85 -12.89
N LYS A 143 26.13 -12.16 -11.63
CA LYS A 143 26.66 -13.46 -11.25
C LYS A 143 25.81 -14.03 -10.12
N TYR A 144 25.38 -15.27 -10.29
CA TYR A 144 24.48 -15.91 -9.34
C TYR A 144 25.25 -16.76 -8.33
N LYS A 145 25.17 -16.36 -7.07
CA LYS A 145 25.89 -17.01 -5.98
C LYS A 145 25.05 -18.06 -5.26
N THR A 146 23.75 -18.07 -5.53
CA THR A 146 22.82 -19.03 -4.92
C THR A 146 21.82 -19.59 -5.93
N ASN A 147 20.92 -20.46 -5.46
CA ASN A 147 19.81 -20.99 -6.26
C ASN A 147 18.78 -19.90 -6.55
N ILE A 148 18.32 -19.86 -7.80
CA ILE A 148 17.37 -18.83 -8.25
C ILE A 148 15.94 -19.06 -7.72
N ARG A 149 15.63 -20.31 -7.34
CA ARG A 149 14.33 -20.63 -6.75
C ARG A 149 14.12 -19.91 -5.42
N GLU A 150 15.24 -19.60 -4.75
CA GLU A 150 15.22 -18.91 -3.47
C GLU A 150 14.77 -17.46 -3.59
N LEU A 151 15.04 -16.84 -4.74
CA LEU A 151 14.60 -15.47 -5.01
C LEU A 151 13.08 -15.39 -5.17
N PHE A 152 12.50 -16.40 -5.81
CA PHE A 152 11.05 -16.48 -5.99
C PHE A 152 10.29 -16.47 -4.67
N GLU A 153 10.97 -16.90 -3.60
CA GLU A 153 10.40 -16.89 -2.25
C GLU A 153 10.14 -15.46 -1.75
N GLU A 154 10.85 -14.49 -2.33
CA GLU A 154 10.67 -13.08 -1.95
C GLU A 154 9.33 -12.50 -2.40
N PHE A 155 8.67 -13.16 -3.36
CA PHE A 155 7.32 -12.78 -3.78
C PHE A 155 6.31 -12.90 -2.65
N ASP A 156 6.53 -13.88 -1.77
CA ASP A 156 5.66 -14.11 -0.62
C ASP A 156 5.79 -13.00 0.44
N ASN A 157 6.94 -12.32 0.45
CA ASN A 157 7.19 -11.23 1.38
C ASN A 157 6.63 -9.88 0.92
N PHE A 158 6.04 -9.86 -0.28
CA PHE A 158 5.31 -8.71 -0.80
C PHE A 158 4.15 -8.36 0.13
N LEU A 159 3.95 -7.07 0.37
CA LEU A 159 2.74 -6.60 1.03
C LEU A 159 1.62 -6.59 -0.01
N PRO A 160 0.35 -6.74 0.44
CA PRO A 160 -0.73 -6.51 -0.52
C PRO A 160 -0.72 -5.05 -0.95
N GLY A 161 -0.75 -4.81 -2.25
CA GLY A 161 -0.60 -3.45 -2.77
C GLY A 161 0.85 -3.11 -3.10
N ALA A 162 1.71 -4.12 -3.03
CA ALA A 162 3.08 -3.99 -3.54
C ALA A 162 3.17 -4.75 -4.85
N VAL A 163 3.59 -4.06 -5.90
CA VAL A 163 3.59 -4.61 -7.26
C VAL A 163 4.96 -5.11 -7.73
N ILE A 164 6.01 -4.38 -7.38
CA ILE A 164 7.37 -4.66 -7.86
C ILE A 164 8.32 -5.00 -6.71
N GLY A 165 9.14 -6.02 -6.92
CA GLY A 165 10.26 -6.33 -6.03
C GLY A 165 11.53 -5.81 -6.67
N ILE A 166 12.26 -4.98 -5.94
CA ILE A 166 13.43 -4.29 -6.49
C ILE A 166 14.44 -3.92 -5.41
N ALA A 167 15.73 -4.05 -5.73
CA ALA A 167 16.80 -3.65 -4.82
C ALA A 167 17.15 -2.18 -5.01
N ARG A 168 17.67 -1.56 -3.95
CA ARG A 168 18.01 -0.12 -4.00
C ARG A 168 19.32 0.18 -4.72
N GLU A 169 19.40 1.37 -5.29
CA GLU A 169 20.56 1.83 -6.05
C GLU A 169 21.73 2.15 -5.12
N MET A 170 22.88 1.53 -5.38
CA MET A 170 24.04 1.62 -4.50
C MET A 170 25.09 2.64 -4.97
N GLN A 171 24.64 3.57 -5.81
CA GLN A 171 25.44 4.72 -6.22
C GLN A 171 24.61 5.99 -6.02
N PRO A 172 25.28 7.14 -5.77
CA PRO A 172 24.54 8.39 -5.56
C PRO A 172 23.99 8.99 -6.86
N VAL A 173 23.68 8.15 -7.84
CA VAL A 173 23.14 8.57 -9.14
C VAL A 173 21.99 9.57 -8.95
N TYR A 174 21.10 9.27 -8.03
CA TYR A 174 19.88 10.04 -7.84
C TYR A 174 20.03 11.27 -6.93
N ARG A 175 21.24 11.52 -6.47
CA ARG A 175 21.59 12.81 -5.89
C ARG A 175 21.67 13.84 -7.01
N HIS A 176 22.43 13.51 -8.05
CA HIS A 176 22.63 14.40 -9.20
C HIS A 176 21.39 14.52 -10.05
N THR A 177 20.66 13.41 -10.19
CA THR A 177 19.44 13.38 -11.00
C THR A 177 18.32 14.22 -10.38
N PHE A 178 18.16 14.09 -9.06
CA PHE A 178 17.14 14.83 -8.32
C PHE A 178 17.63 16.15 -7.73
N TRP A 179 18.78 16.62 -8.20
CA TRP A 179 19.42 17.82 -7.66
C TRP A 179 18.50 18.99 -7.41
N GLN A 180 17.70 19.34 -8.42
CA GLN A 180 16.84 20.54 -8.33
C GLN A 180 15.75 20.41 -7.28
N PHE A 181 15.21 19.20 -7.12
CA PHE A 181 14.20 18.95 -6.09
C PHE A 181 14.79 19.04 -4.69
N ARG A 182 16.00 18.50 -4.52
CA ARG A 182 16.71 18.52 -3.24
C ARG A 182 17.17 19.94 -2.90
N HIS A 183 17.46 20.71 -3.94
CA HIS A 183 17.81 22.13 -3.82
C HIS A 183 16.64 22.93 -3.28
N GLU A 184 15.43 22.48 -3.60
CA GLU A 184 14.20 23.14 -3.15
C GLU A 184 13.63 22.52 -1.87
N ASN A 185 13.97 21.24 -1.64
CA ASN A 185 13.57 20.55 -0.42
C ASN A 185 14.81 19.96 0.27
N PRO A 186 15.50 20.77 1.08
CA PRO A 186 16.77 20.35 1.70
C PRO A 186 16.58 19.33 2.84
N LYS A 187 15.34 19.16 3.27
CA LYS A 187 14.98 18.24 4.35
C LYS A 187 14.61 16.87 3.80
N THR A 188 14.35 16.81 2.49
CA THR A 188 13.81 15.61 1.84
C THR A 188 14.70 14.36 1.97
N ARG A 189 14.06 13.20 1.85
CA ARG A 189 14.77 11.92 1.86
C ARG A 189 15.09 11.48 0.43
N VAL A 190 14.47 12.16 -0.54
CA VAL A 190 14.65 11.86 -1.96
C VAL A 190 16.12 12.05 -2.36
N GLY A 191 16.78 10.95 -2.69
CA GLY A 191 18.19 10.98 -3.08
C GLY A 191 19.15 10.65 -1.95
N ASP A 192 18.66 10.63 -0.72
CA ASP A 192 19.48 10.33 0.46
C ASP A 192 19.84 8.83 0.56
N PRO A 193 20.97 8.51 1.22
CA PRO A 193 21.40 7.12 1.37
C PRO A 193 20.57 6.31 2.37
N PRO A 194 20.60 4.96 2.27
CA PRO A 194 19.90 4.10 3.22
C PRO A 194 20.51 4.16 4.62
N PRO A 195 19.73 3.79 5.67
CA PRO A 195 18.36 3.29 5.62
C PRO A 195 17.28 4.36 5.79
N GLU A 196 17.68 5.53 6.30
CA GLU A 196 16.75 6.63 6.53
C GLU A 196 16.29 7.31 5.23
N GLY A 197 17.17 7.36 4.23
CA GLY A 197 16.86 8.00 2.96
C GLY A 197 16.41 7.06 1.86
N LEU A 198 15.99 7.65 0.74
CA LEU A 198 15.54 6.90 -0.42
C LEU A 198 16.52 7.09 -1.59
N PRO A 199 17.47 6.14 -1.75
CA PRO A 199 18.55 6.26 -2.72
C PRO A 199 18.12 5.96 -4.16
N GLY A 200 16.89 5.51 -4.34
CA GLY A 200 16.40 5.09 -5.65
C GLY A 200 16.63 3.61 -5.87
N PHE A 201 16.21 3.12 -7.03
CA PHE A 201 16.27 1.69 -7.31
C PHE A 201 17.23 1.34 -8.45
N ASN A 202 17.70 0.09 -8.43
CA ASN A 202 18.48 -0.48 -9.51
C ASN A 202 17.66 -1.55 -10.21
N SER A 203 17.57 -1.45 -11.54
CA SER A 203 16.70 -2.32 -12.33
C SER A 203 17.33 -3.65 -12.76
N GLY A 204 18.53 -3.93 -12.25
CA GLY A 204 19.26 -5.15 -12.59
C GLY A 204 18.54 -6.44 -12.25
N VAL A 205 17.87 -6.45 -11.10
CA VAL A 205 17.09 -7.60 -10.63
C VAL A 205 15.70 -7.11 -10.21
N MET A 206 14.67 -7.52 -10.94
CA MET A 206 13.31 -7.01 -10.73
C MET A 206 12.26 -8.11 -10.65
N LEU A 207 11.62 -8.22 -9.48
CA LEU A 207 10.54 -9.16 -9.27
C LEU A 207 9.20 -8.52 -9.63
N LEU A 208 8.74 -8.81 -10.84
CA LEU A 208 7.52 -8.20 -11.36
C LEU A 208 6.32 -9.10 -11.11
N ASN A 209 5.45 -8.66 -10.19
CA ASN A 209 4.21 -9.35 -9.89
C ASN A 209 3.11 -8.89 -10.84
N LEU A 210 3.11 -9.47 -12.04
CA LEU A 210 2.15 -9.13 -13.10
C LEU A 210 0.71 -9.12 -12.62
N GLU A 211 0.37 -10.12 -11.80
CA GLU A 211 -0.95 -10.27 -11.21
C GLU A 211 -1.32 -9.03 -10.39
N ALA A 212 -0.39 -8.57 -9.56
CA ALA A 212 -0.59 -7.38 -8.74
C ALA A 212 -0.56 -6.11 -9.58
N MET A 213 0.25 -6.12 -10.64
CA MET A 213 0.38 -4.98 -11.55
C MET A 213 -0.91 -4.68 -12.30
N ARG A 214 -1.62 -5.75 -12.70
CA ARG A 214 -2.92 -5.63 -13.37
C ARG A 214 -4.01 -5.16 -12.42
N GLN A 215 -3.92 -5.61 -11.16
CA GLN A 215 -4.98 -5.38 -10.17
C GLN A 215 -4.87 -4.08 -9.40
N SER A 216 -3.72 -3.41 -9.48
CA SER A 216 -3.49 -2.16 -8.76
C SER A 216 -3.99 -0.95 -9.55
N PRO A 217 -5.00 -0.24 -9.00
CA PRO A 217 -5.51 0.99 -9.62
C PRO A 217 -4.46 2.09 -9.62
N LEU A 218 -3.73 2.21 -8.51
CA LEU A 218 -2.68 3.22 -8.38
C LEU A 218 -1.59 3.04 -9.45
N TYR A 219 -1.16 1.81 -9.65
CA TYR A 219 -0.14 1.52 -10.65
C TYR A 219 -0.66 1.69 -12.07
N SER A 220 -1.94 1.35 -12.28
CA SER A 220 -2.59 1.51 -13.58
C SER A 220 -2.66 2.98 -14.00
N HIS A 221 -2.79 3.86 -13.02
CA HIS A 221 -2.89 5.30 -13.25
C HIS A 221 -1.55 5.97 -13.36
N LEU A 222 -0.52 5.42 -12.70
CA LEU A 222 0.83 5.96 -12.79
C LEU A 222 1.47 5.76 -14.15
N LEU A 223 0.87 4.86 -14.95
CA LEU A 223 1.32 4.59 -16.31
C LEU A 223 0.71 5.57 -17.33
N GLU A 224 -0.30 6.32 -16.90
CA GLU A 224 -0.98 7.28 -17.76
C GLU A 224 -0.16 8.56 -17.97
N PRO A 225 -0.20 9.13 -19.19
CA PRO A 225 0.57 10.31 -19.60
C PRO A 225 0.52 11.49 -18.63
N SER A 226 -0.69 11.94 -18.28
CA SER A 226 -0.87 13.11 -17.42
C SER A 226 -0.34 12.90 -16.00
N TRP A 227 -0.30 11.63 -15.58
CA TRP A 227 0.25 11.27 -14.27
C TRP A 227 1.74 11.26 -14.26
N VAL A 228 2.34 10.72 -15.33
CA VAL A 228 3.80 10.74 -15.51
C VAL A 228 4.28 12.19 -15.53
N GLN A 229 3.65 13.02 -16.35
CA GLN A 229 3.94 14.45 -16.44
C GLN A 229 3.81 15.14 -15.08
N GLN A 230 2.68 14.92 -14.42
CA GLN A 230 2.41 15.49 -13.10
C GLN A 230 3.57 15.27 -12.13
N LEU A 231 4.01 14.01 -12.02
CA LEU A 231 5.05 13.65 -11.06
C LEU A 231 6.47 14.03 -11.49
N ALA A 232 6.74 13.92 -12.79
CA ALA A 232 8.04 14.32 -13.32
C ALA A 232 8.29 15.81 -13.12
N ASP A 233 7.25 16.62 -13.30
CA ASP A 233 7.32 18.06 -13.06
C ASP A 233 7.49 18.40 -11.57
N LYS A 234 6.91 17.58 -10.69
CA LYS A 234 7.05 17.77 -9.25
C LYS A 234 8.51 17.59 -8.82
N TYR A 235 9.19 16.60 -9.39
CA TYR A 235 10.57 16.29 -9.05
C TYR A 235 11.58 16.94 -9.99
N HIS A 236 11.07 17.67 -10.98
CA HIS A 236 11.89 18.27 -12.04
C HIS A 236 12.74 17.20 -12.69
N PHE A 237 12.08 16.08 -12.99
CA PHE A 237 12.77 14.87 -13.42
C PHE A 237 12.86 14.75 -14.93
N ARG A 238 14.10 14.66 -15.41
CA ARG A 238 14.38 14.26 -16.80
C ARG A 238 15.61 13.37 -16.76
N GLY A 239 15.37 12.05 -16.73
CA GLY A 239 16.44 11.08 -16.58
C GLY A 239 16.89 10.40 -17.87
N HIS A 240 17.78 9.43 -17.73
CA HIS A 240 18.37 8.74 -18.87
C HIS A 240 18.50 7.25 -18.65
N LEU A 241 17.99 6.78 -17.51
CA LEU A 241 18.14 5.38 -17.11
C LEU A 241 16.95 4.48 -17.46
N GLY A 242 16.00 5.02 -18.23
CA GLY A 242 14.87 4.25 -18.74
C GLY A 242 13.85 3.84 -17.68
N ASP A 243 13.54 2.55 -17.64
CA ASP A 243 12.56 2.00 -16.71
C ASP A 243 12.94 2.20 -15.25
N GLN A 244 14.25 2.10 -14.97
CA GLN A 244 14.80 2.32 -13.64
C GLN A 244 14.39 3.68 -13.08
N ASP A 245 14.43 4.69 -13.95
CA ASP A 245 14.02 6.04 -13.59
C ASP A 245 12.53 6.16 -13.27
N PHE A 246 11.70 5.42 -14.00
CA PHE A 246 10.26 5.42 -13.74
C PHE A 246 9.94 4.81 -12.37
N PHE A 247 10.48 3.62 -12.11
CA PHE A 247 10.28 2.95 -10.83
C PHE A 247 10.84 3.78 -9.67
N THR A 248 12.02 4.35 -9.87
CA THR A 248 12.68 5.19 -8.86
C THR A 248 11.82 6.40 -8.50
N MET A 249 11.33 7.11 -9.52
CA MET A 249 10.49 8.29 -9.31
C MET A 249 9.17 7.92 -8.62
N ILE A 250 8.56 6.84 -9.10
CA ILE A 250 7.32 6.31 -8.50
C ILE A 250 7.56 5.91 -7.04
N GLY A 251 8.74 5.35 -6.78
CA GLY A 251 9.14 4.94 -5.43
C GLY A 251 9.34 6.07 -4.44
N MET A 252 9.41 7.30 -4.96
CA MET A 252 9.54 8.48 -4.11
C MET A 252 8.17 8.94 -3.59
N GLU A 253 7.17 8.92 -4.48
CA GLU A 253 5.80 9.26 -4.12
C GLU A 253 5.12 8.10 -3.39
N HIS A 254 5.26 6.90 -3.95
CA HIS A 254 4.59 5.71 -3.42
C HIS A 254 5.58 4.59 -3.21
N PRO A 255 6.35 4.63 -2.11
CA PRO A 255 7.32 3.58 -1.82
C PRO A 255 6.68 2.25 -1.41
N GLU A 256 5.39 2.29 -1.09
CA GLU A 256 4.66 1.10 -0.64
C GLU A 256 4.21 0.19 -1.78
N LEU A 257 4.40 0.65 -3.02
CA LEU A 257 4.19 -0.19 -4.20
C LEU A 257 5.39 -1.11 -4.42
N PHE A 258 6.47 -0.84 -3.70
CA PHE A 258 7.72 -1.57 -3.90
C PHE A 258 8.13 -2.37 -2.67
N HIS A 259 8.38 -3.66 -2.89
CA HIS A 259 9.03 -4.51 -1.90
C HIS A 259 10.51 -4.37 -2.11
N VAL A 260 11.17 -3.68 -1.17
CA VAL A 260 12.60 -3.40 -1.30
C VAL A 260 13.43 -4.63 -0.93
N LEU A 261 14.07 -5.21 -1.95
CA LEU A 261 14.92 -6.39 -1.77
C LEU A 261 16.16 -6.04 -0.94
N ASP A 262 16.67 -7.03 -0.22
CA ASP A 262 17.92 -6.90 0.49
C ASP A 262 19.04 -6.71 -0.52
N CYS A 263 20.03 -5.90 -0.15
CA CYS A 263 21.15 -5.55 -1.04
C CYS A 263 21.90 -6.76 -1.59
N THR A 264 21.91 -7.85 -0.83
CA THR A 264 22.62 -9.08 -1.20
C THR A 264 22.04 -9.77 -2.45
N TRP A 265 20.83 -9.40 -2.83
CA TRP A 265 20.19 -9.91 -4.04
C TRP A 265 20.66 -9.20 -5.28
N ASN A 266 21.35 -8.09 -5.10
CA ASN A 266 21.85 -7.29 -6.18
C ASN A 266 22.96 -6.39 -5.70
N ARG A 267 24.12 -6.95 -5.37
CA ARG A 267 25.21 -6.11 -4.90
C ARG A 267 25.89 -5.56 -6.12
N GLN A 268 25.61 -4.32 -6.43
CA GLN A 268 26.17 -3.64 -7.59
C GLN A 268 27.61 -3.25 -7.30
N LEU A 269 28.49 -3.53 -8.26
CA LEU A 269 29.93 -3.38 -8.05
C LEU A 269 30.51 -2.08 -8.62
N CYS A 270 29.72 -1.38 -9.43
CA CYS A 270 30.13 -0.11 -10.05
C CYS A 270 30.52 0.92 -9.00
N THR A 271 31.74 1.45 -9.14
CA THR A 271 32.26 2.46 -8.21
C THR A 271 32.59 3.77 -8.93
N TRP A 272 31.98 3.98 -10.10
CA TRP A 272 32.26 5.15 -10.93
C TRP A 272 32.11 6.46 -10.22
N TRP A 273 30.95 6.66 -9.59
CA TRP A 273 30.63 7.91 -8.90
C TRP A 273 31.51 8.21 -7.72
N ARG A 274 32.20 7.20 -7.20
CA ARG A 274 33.17 7.39 -6.13
C ARG A 274 34.38 8.18 -6.62
N ASP A 275 34.64 8.11 -7.91
CA ASP A 275 35.82 8.74 -8.50
C ASP A 275 35.44 9.91 -9.43
N HIS A 276 34.16 10.26 -9.46
CA HIS A 276 33.68 11.32 -10.34
C HIS A 276 32.69 12.26 -9.69
N GLY A 277 32.89 12.51 -8.40
CA GLY A 277 32.13 13.55 -7.71
C GLY A 277 31.58 13.27 -6.33
N TYR A 278 31.48 11.99 -5.96
CA TYR A 278 30.82 11.62 -4.71
C TYR A 278 31.68 10.82 -3.72
N SER A 279 33.00 11.01 -3.77
CA SER A 279 33.95 10.29 -2.91
C SER A 279 33.55 10.25 -1.44
N ASP A 280 32.96 11.33 -0.97
CA ASP A 280 32.61 11.50 0.44
C ASP A 280 31.40 10.68 0.89
N VAL A 281 30.33 10.72 0.10
CA VAL A 281 29.04 10.11 0.48
C VAL A 281 28.84 8.73 -0.13
N PHE A 282 29.71 8.36 -1.07
CA PHE A 282 29.59 7.12 -1.83
C PHE A 282 29.37 5.87 -0.98
N GLN A 283 30.13 5.75 0.10
CA GLN A 283 30.10 4.55 0.95
C GLN A 283 28.75 4.31 1.60
N ALA A 284 28.06 5.40 1.96
CA ALA A 284 26.72 5.31 2.54
C ALA A 284 25.72 4.65 1.59
N TYR A 285 25.97 4.79 0.29
CA TYR A 285 25.16 4.17 -0.75
C TYR A 285 25.67 2.77 -1.10
N PHE A 286 26.98 2.64 -1.19
CA PHE A 286 27.63 1.40 -1.64
C PHE A 286 27.61 0.29 -0.60
N ARG A 287 27.57 0.67 0.68
CA ARG A 287 27.59 -0.29 1.79
C ARG A 287 26.54 -1.38 1.66
N CYS A 288 26.99 -2.63 1.82
CA CYS A 288 26.11 -3.81 1.84
C CYS A 288 26.76 -4.93 2.62
N GLU A 289 26.36 -5.09 3.88
CA GLU A 289 26.85 -6.19 4.71
C GLU A 289 25.97 -7.43 4.53
N GLY A 290 26.63 -8.58 4.39
CA GLY A 290 25.92 -9.85 4.23
C GLY A 290 26.50 -10.75 3.15
N HIS A 291 26.11 -12.02 3.18
CA HIS A 291 26.52 -13.00 2.18
C HIS A 291 25.80 -12.73 0.89
N VAL A 292 26.57 -12.40 -0.15
CA VAL A 292 26.03 -12.03 -1.45
C VAL A 292 25.33 -13.21 -2.11
N LYS A 293 24.12 -12.97 -2.61
CA LYS A 293 23.34 -13.96 -3.35
C LYS A 293 23.45 -13.74 -4.85
N ILE A 294 23.46 -12.46 -5.25
CA ILE A 294 23.68 -12.07 -6.65
C ILE A 294 24.59 -10.84 -6.73
N TYR A 295 25.67 -10.96 -7.48
CA TYR A 295 26.52 -9.82 -7.82
C TYR A 295 26.02 -9.18 -9.11
N HIS A 296 26.03 -7.85 -9.16
CA HIS A 296 25.73 -7.12 -10.38
C HIS A 296 26.94 -6.31 -10.72
N GLY A 297 27.68 -6.77 -11.72
CA GLY A 297 28.85 -6.05 -12.20
C GLY A 297 28.39 -4.93 -13.13
N ASN A 298 27.62 -3.99 -12.60
CA ASN A 298 27.16 -2.88 -13.43
C ASN A 298 28.33 -1.97 -13.84
N CYS A 299 28.10 -1.25 -14.94
CA CYS A 299 29.12 -0.42 -15.61
C CYS A 299 30.44 -1.15 -15.92
N ASN A 300 30.33 -2.36 -16.46
CA ASN A 300 31.48 -3.16 -16.92
C ASN A 300 32.50 -3.54 -15.84
N THR A 301 32.08 -3.51 -14.58
CA THR A 301 32.95 -3.87 -13.46
C THR A 301 33.06 -5.40 -13.34
N PRO A 302 34.30 -5.92 -13.27
CA PRO A 302 34.53 -7.35 -13.10
C PRO A 302 34.04 -7.87 -11.74
N ILE A 303 33.78 -9.18 -11.66
CA ILE A 303 33.26 -9.79 -10.45
C ILE A 303 34.31 -10.69 -9.80
N VAL B 10 -8.67 27.90 20.77
CA VAL B 10 -8.33 26.47 20.56
C VAL B 10 -9.56 25.58 20.85
N ASP B 11 -9.91 24.74 19.89
CA ASP B 11 -11.09 23.87 20.01
C ASP B 11 -10.86 22.45 19.49
N TYR B 12 -11.46 21.48 20.18
CA TYR B 12 -11.35 20.08 19.82
C TYR B 12 -12.70 19.48 19.43
N HIS B 13 -12.68 18.56 18.46
CA HIS B 13 -13.91 18.07 17.85
C HIS B 13 -14.13 16.59 17.96
N LEU B 14 -15.36 16.22 18.33
CA LEU B 14 -15.79 14.83 18.36
C LEU B 14 -17.15 14.68 17.69
N LEU B 15 -17.28 13.71 16.80
CA LEU B 15 -18.58 13.40 16.20
C LEU B 15 -19.12 12.06 16.69
N MET B 16 -20.43 12.01 16.91
CA MET B 16 -21.11 10.78 17.30
C MET B 16 -22.39 10.60 16.48
N MET B 17 -22.84 9.36 16.40
CA MET B 17 -24.11 9.03 15.74
C MET B 17 -25.21 8.92 16.79
N PHE B 18 -26.33 9.59 16.53
CA PHE B 18 -27.47 9.54 17.44
C PHE B 18 -28.79 9.43 16.67
N THR B 19 -28.90 8.40 15.84
CA THR B 19 -30.07 8.20 15.00
C THR B 19 -31.07 7.20 15.60
N LYS B 20 -32.35 7.53 15.49
CA LYS B 20 -33.47 6.68 15.91
C LYS B 20 -33.34 6.15 17.35
N ALA B 21 -33.30 7.09 18.29
CA ALA B 21 -33.12 6.77 19.71
C ALA B 21 -34.45 6.76 20.48
N GLU B 22 -35.42 7.52 19.99
CA GLU B 22 -36.75 7.61 20.61
C GLU B 22 -37.41 6.24 20.68
N HIS B 23 -38.02 5.95 21.84
CA HIS B 23 -38.66 4.66 22.12
C HIS B 23 -37.73 3.47 22.03
N ASN B 24 -36.43 3.75 22.14
CA ASN B 24 -35.39 2.72 22.10
C ASN B 24 -34.47 2.82 23.31
N ALA B 25 -34.52 1.81 24.17
CA ALA B 25 -33.77 1.80 25.43
C ALA B 25 -32.30 1.37 25.34
N PRO B 26 -31.98 0.33 24.54
CA PRO B 26 -30.59 -0.18 24.51
C PRO B 26 -29.55 0.82 24.00
N LEU B 27 -29.91 1.62 22.99
CA LEU B 27 -29.00 2.61 22.42
C LEU B 27 -28.75 3.77 23.39
N GLN B 28 -29.80 4.18 24.09
CA GLN B 28 -29.71 5.22 25.11
C GLN B 28 -28.90 4.74 26.32
N ALA B 29 -28.99 3.45 26.60
CA ALA B 29 -28.23 2.83 27.69
C ALA B 29 -26.74 2.84 27.40
N LYS B 30 -26.38 2.61 26.14
CA LYS B 30 -24.99 2.68 25.69
C LYS B 30 -24.47 4.11 25.77
N ALA B 31 -25.28 5.06 25.27
CA ALA B 31 -24.95 6.48 25.29
C ALA B 31 -24.78 7.02 26.71
N ARG B 32 -25.50 6.42 27.66
CA ARG B 32 -25.39 6.79 29.07
C ARG B 32 -24.04 6.37 29.64
N VAL B 33 -23.63 5.14 29.35
CA VAL B 33 -22.34 4.60 29.81
C VAL B 33 -21.17 5.29 29.09
N ALA B 34 -21.43 5.77 27.88
CA ALA B 34 -20.41 6.44 27.07
C ALA B 34 -20.18 7.90 27.48
N LEU B 35 -21.23 8.71 27.38
CA LEU B 35 -21.13 10.15 27.59
C LEU B 35 -20.77 10.55 29.03
N SER B 36 -21.17 9.72 29.99
CA SER B 36 -20.82 9.96 31.40
C SER B 36 -19.33 9.70 31.66
N SER B 37 -18.82 8.61 31.11
CA SER B 37 -17.40 8.26 31.23
C SER B 37 -16.51 9.28 30.52
N LEU B 38 -17.00 9.81 29.40
CA LEU B 38 -16.29 10.82 28.61
C LEU B 38 -16.08 12.10 29.41
N LEU B 39 -17.17 12.63 29.97
CA LEU B 39 -17.15 13.94 30.62
C LEU B 39 -16.55 13.95 32.02
N ARG B 40 -16.82 12.89 32.79
CA ARG B 40 -16.30 12.78 34.17
C ARG B 40 -14.78 12.59 34.22
N LEU B 41 -14.18 12.29 33.08
CA LEU B 41 -12.73 12.05 32.99
C LEU B 41 -12.01 13.05 32.08
N ALA B 42 -12.77 13.85 31.35
CA ALA B 42 -12.20 14.87 30.46
C ALA B 42 -11.68 16.08 31.23
N LYS B 43 -10.56 16.63 30.76
CA LYS B 43 -10.03 17.88 31.30
C LYS B 43 -9.44 18.72 30.16
N PHE B 44 -9.69 20.03 30.20
CA PHE B 44 -9.14 20.96 29.23
C PHE B 44 -8.79 22.30 29.88
N GLU B 45 -7.81 22.98 29.31
CA GLU B 45 -7.39 24.30 29.77
C GLU B 45 -8.42 25.36 29.39
N ALA B 46 -8.39 26.50 30.08
CA ALA B 46 -9.42 27.55 29.97
C ALA B 46 -9.76 27.98 28.53
N HIS B 47 -8.74 28.09 27.68
CA HIS B 47 -8.92 28.51 26.29
C HIS B 47 -9.46 27.42 25.41
N GLU B 48 -9.21 26.17 25.79
CA GLU B 48 -9.66 25.00 25.02
C GLU B 48 -11.15 24.74 25.20
N VAL B 49 -11.80 24.32 24.11
CA VAL B 49 -13.24 24.02 24.14
C VAL B 49 -13.58 22.76 23.35
N LEU B 50 -14.23 21.82 24.02
CA LEU B 50 -14.59 20.53 23.44
C LEU B 50 -15.92 20.60 22.70
N ASN B 51 -15.89 20.35 21.39
CA ASN B 51 -17.08 20.45 20.55
C ASN B 51 -17.67 19.09 20.22
N LEU B 52 -18.81 18.79 20.84
CA LEU B 52 -19.50 17.51 20.66
C LEU B 52 -20.51 17.60 19.53
N HIS B 53 -20.18 16.98 18.40
CA HIS B 53 -21.07 16.91 17.25
C HIS B 53 -21.94 15.69 17.32
N PHE B 54 -23.19 15.85 16.92
CA PHE B 54 -24.15 14.76 16.89
C PHE B 54 -24.96 14.76 15.60
N VAL B 55 -24.92 13.64 14.89
CA VAL B 55 -25.74 13.46 13.69
C VAL B 55 -27.04 12.77 14.11
N SER B 56 -28.14 13.49 13.98
CA SER B 56 -29.44 13.05 14.47
C SER B 56 -30.60 13.78 13.80
N GLU B 57 -31.73 13.09 13.64
CA GLU B 57 -32.94 13.72 13.12
C GLU B 57 -33.67 14.50 14.22
N GLU B 58 -34.72 15.23 13.83
CA GLU B 58 -35.47 16.11 14.73
C GLU B 58 -35.90 15.42 16.02
N ALA B 59 -36.39 14.20 15.90
CA ALA B 59 -36.88 13.42 17.04
C ALA B 59 -35.77 13.02 18.00
N SER B 60 -34.56 12.87 17.48
CA SER B 60 -33.41 12.43 18.26
C SER B 60 -32.60 13.59 18.87
N ARG B 61 -32.67 14.75 18.23
CA ARG B 61 -32.01 15.97 18.74
C ARG B 61 -32.55 16.34 20.12
N GLU B 62 -33.83 16.07 20.35
CA GLU B 62 -34.52 16.39 21.61
C GLU B 62 -34.00 15.54 22.77
N VAL B 63 -33.95 14.23 22.58
CA VAL B 63 -33.54 13.28 23.63
C VAL B 63 -32.04 13.36 23.95
N ALA B 64 -31.25 13.75 22.95
CA ALA B 64 -29.81 13.95 23.12
C ALA B 64 -29.53 15.15 24.02
N LYS B 65 -30.31 16.21 23.84
CA LYS B 65 -30.21 17.42 24.67
C LYS B 65 -30.47 17.13 26.14
N ALA B 66 -31.52 16.35 26.41
CA ALA B 66 -31.92 15.99 27.77
C ALA B 66 -30.85 15.15 28.48
N LEU B 67 -30.18 14.30 27.71
CA LEU B 67 -29.11 13.45 28.23
C LEU B 67 -27.85 14.27 28.54
N LEU B 68 -27.64 15.34 27.77
CA LEU B 68 -26.49 16.22 27.95
C LEU B 68 -26.76 17.32 29.00
N ARG B 69 -28.02 17.74 29.11
CA ARG B 69 -28.46 18.75 30.07
C ARG B 69 -28.06 18.37 31.50
N GLU B 70 -28.10 17.07 31.78
CA GLU B 70 -27.76 16.53 33.10
C GLU B 70 -26.26 16.60 33.39
N LEU B 71 -25.45 16.36 32.37
CA LEU B 71 -23.99 16.24 32.54
C LEU B 71 -23.24 17.49 32.09
N LEU B 72 -22.63 18.17 33.06
CA LEU B 72 -21.82 19.35 32.80
C LEU B 72 -20.48 19.25 33.52
N PHE B 78 -13.80 23.82 32.02
CA PHE B 78 -13.64 24.13 30.59
C PHE B 78 -14.98 24.23 29.87
N LYS B 79 -14.98 24.99 28.78
CA LYS B 79 -16.19 25.18 27.97
C LYS B 79 -16.43 24.02 27.02
N CYS B 80 -17.69 23.79 26.67
CA CYS B 80 -18.07 22.82 25.64
C CYS B 80 -19.30 23.28 24.86
N LYS B 81 -19.25 23.14 23.53
CA LYS B 81 -20.34 23.58 22.67
C LYS B 81 -20.95 22.41 21.89
N VAL B 82 -22.17 22.05 22.26
CA VAL B 82 -22.90 20.95 21.63
C VAL B 82 -23.45 21.38 20.28
N ILE B 83 -23.01 20.69 19.23
CA ILE B 83 -23.45 20.98 17.86
C ILE B 83 -24.26 19.81 17.29
N PHE B 84 -25.36 20.12 16.63
CA PHE B 84 -26.22 19.11 16.02
C PHE B 84 -26.25 19.20 14.49
N HIS B 85 -26.40 18.05 13.85
CA HIS B 85 -26.51 17.96 12.41
C HIS B 85 -27.66 17.06 12.05
N ASP B 86 -28.49 17.51 11.11
CA ASP B 86 -29.62 16.72 10.65
C ASP B 86 -29.13 15.59 9.74
N VAL B 87 -29.69 14.40 9.93
CA VAL B 87 -29.32 13.22 9.13
C VAL B 87 -29.66 13.45 7.66
N ALA B 88 -30.88 13.89 7.41
CA ALA B 88 -31.42 14.06 6.05
C ALA B 88 -30.55 14.94 5.15
N VAL B 89 -30.07 16.06 5.68
CA VAL B 89 -29.24 17.00 4.90
C VAL B 89 -27.85 16.44 4.60
N LEU B 90 -27.29 15.69 5.55
CA LEU B 90 -25.98 15.06 5.37
C LEU B 90 -26.07 13.85 4.45
N THR B 91 -27.10 13.02 4.66
CA THR B 91 -27.35 11.85 3.82
C THR B 91 -27.62 12.26 2.37
N ASP B 92 -28.19 13.46 2.20
CA ASP B 92 -28.41 14.05 0.88
C ASP B 92 -27.08 14.40 0.20
N LYS B 93 -26.14 14.95 0.97
CA LYS B 93 -24.81 15.29 0.48
C LYS B 93 -23.96 14.04 0.28
N LEU B 94 -24.14 13.06 1.16
CA LEU B 94 -23.35 11.83 1.17
C LEU B 94 -23.64 10.88 0.01
N PHE B 95 -24.93 10.64 -0.24
CA PHE B 95 -25.35 9.62 -1.21
C PHE B 95 -24.67 9.70 -2.58
N PRO B 96 -24.59 10.90 -3.20
CA PRO B 96 -23.96 10.96 -4.53
C PRO B 96 -22.49 10.53 -4.53
N VAL B 97 -21.80 10.74 -3.40
CA VAL B 97 -20.40 10.36 -3.26
C VAL B 97 -20.25 8.84 -3.15
N VAL B 98 -20.86 8.26 -2.11
CA VAL B 98 -20.70 6.84 -1.80
C VAL B 98 -21.66 5.92 -2.58
N GLU B 99 -22.49 6.54 -3.41
CA GLU B 99 -23.49 5.84 -4.23
C GLU B 99 -22.97 4.55 -4.87
N ALA B 100 -21.90 4.68 -5.65
CA ALA B 100 -21.39 3.58 -6.48
C ALA B 100 -20.52 2.57 -5.74
N MET B 101 -20.25 2.82 -4.46
CA MET B 101 -19.38 1.92 -3.67
C MET B 101 -20.10 1.14 -2.57
N GLN B 102 -21.33 1.55 -2.23
CA GLN B 102 -22.13 0.90 -1.18
C GLN B 102 -22.37 -0.59 -1.45
N LYS B 103 -22.52 -0.91 -2.73
CA LYS B 103 -22.64 -2.28 -3.24
C LYS B 103 -21.71 -3.29 -2.53
N TYR B 104 -20.50 -2.84 -2.20
CA TYR B 104 -19.43 -3.71 -1.75
C TYR B 104 -19.24 -3.81 -0.22
N PHE B 105 -19.80 -2.85 0.52
CA PHE B 105 -19.54 -2.74 1.96
C PHE B 105 -20.81 -2.73 2.83
N SER B 106 -21.96 -2.66 2.19
CA SER B 106 -23.23 -2.62 2.88
C SER B 106 -24.23 -3.60 2.31
N ALA B 107 -25.25 -3.96 3.09
CA ALA B 107 -26.27 -4.90 2.66
C ALA B 107 -27.56 -4.18 2.58
N GLY B 108 -28.41 -4.51 1.63
CA GLY B 108 -29.69 -3.87 1.55
C GLY B 108 -30.00 -2.79 0.56
N SER B 109 -29.80 -3.06 -0.70
CA SER B 109 -30.03 -2.10 -1.75
C SER B 109 -31.22 -1.20 -1.57
N GLY B 110 -32.30 -1.70 -1.02
CA GLY B 110 -33.47 -0.83 -0.83
C GLY B 110 -33.25 0.36 0.09
N THR B 111 -32.37 0.18 1.07
CA THR B 111 -32.06 1.26 2.02
C THR B 111 -30.67 1.88 1.82
N TYR B 112 -30.08 1.67 0.64
CA TYR B 112 -28.76 2.25 0.33
C TYR B 112 -28.70 3.75 0.56
N TYR B 113 -29.71 4.48 0.07
CA TYR B 113 -29.77 5.93 0.23
C TYR B 113 -29.61 6.34 1.69
N SER B 114 -30.53 5.87 2.54
CA SER B 114 -30.54 6.23 3.96
C SER B 114 -29.28 5.78 4.69
N ASP B 115 -28.78 4.61 4.31
CA ASP B 115 -27.59 4.03 4.93
C ASP B 115 -26.30 4.58 4.31
N SER B 116 -26.32 5.84 3.90
CA SER B 116 -25.13 6.54 3.43
C SER B 116 -24.35 7.11 4.61
N ILE B 117 -25.06 7.41 5.70
CA ILE B 117 -24.44 7.89 6.93
C ILE B 117 -23.49 6.86 7.55
N PHE B 118 -23.63 5.61 7.10
CA PHE B 118 -22.69 4.54 7.42
C PHE B 118 -21.30 4.95 6.95
N PHE B 119 -21.25 5.62 5.80
CA PHE B 119 -20.00 6.03 5.17
C PHE B 119 -19.71 7.52 5.36
N LEU B 120 -20.20 8.11 6.46
CA LEU B 120 -19.95 9.53 6.75
C LEU B 120 -18.47 9.80 6.99
N SER B 121 -17.82 8.92 7.73
CA SER B 121 -16.38 9.05 8.04
C SER B 121 -15.52 9.05 6.78
N VAL B 122 -15.94 8.26 5.79
CA VAL B 122 -15.24 8.13 4.51
C VAL B 122 -15.10 9.47 3.79
N ALA B 123 -16.18 10.24 3.74
CA ALA B 123 -16.19 11.54 3.07
C ALA B 123 -16.44 12.69 4.06
N MET B 124 -15.98 12.52 5.29
CA MET B 124 -16.14 13.52 6.36
C MET B 124 -15.51 14.86 6.00
N HIS B 125 -14.39 14.79 5.27
CA HIS B 125 -13.67 15.99 4.81
C HIS B 125 -14.48 16.80 3.83
N GLN B 126 -15.32 16.14 3.05
CA GLN B 126 -16.17 16.78 2.04
C GLN B 126 -17.49 17.29 2.62
N ILE B 127 -17.75 16.98 3.89
CA ILE B 127 -19.03 17.32 4.53
C ILE B 127 -18.87 18.35 5.65
N MET B 128 -17.82 18.18 6.46
CA MET B 128 -17.48 19.17 7.47
C MET B 128 -16.87 20.40 6.79
N PRO B 129 -17.08 21.60 7.37
CA PRO B 129 -16.55 22.83 6.77
C PRO B 129 -15.03 22.92 6.92
N LYS B 130 -14.38 23.62 5.99
CA LYS B 130 -12.92 23.80 5.98
C LYS B 130 -12.36 24.26 7.33
N GLU B 131 -13.20 24.90 8.12
CA GLU B 131 -12.83 25.46 9.42
C GLU B 131 -12.39 24.41 10.45
N ILE B 132 -12.84 23.17 10.26
CA ILE B 132 -12.45 22.06 11.13
C ILE B 132 -11.35 21.22 10.46
N PRO B 133 -10.16 21.16 11.08
CA PRO B 133 -9.03 20.40 10.52
C PRO B 133 -9.00 18.93 10.96
N ARG B 134 -9.41 18.65 12.19
CA ARG B 134 -9.34 17.30 12.77
C ARG B 134 -10.59 16.98 13.59
N ILE B 135 -11.10 15.77 13.43
CA ILE B 135 -12.25 15.29 14.20
C ILE B 135 -12.11 13.80 14.53
N ILE B 136 -12.52 13.43 15.74
CA ILE B 136 -12.51 12.02 16.16
C ILE B 136 -13.94 11.48 16.21
N GLN B 137 -14.22 10.48 15.37
CA GLN B 137 -15.53 9.85 15.39
C GLN B 137 -15.58 8.71 16.40
N LEU B 138 -16.69 8.61 17.12
CA LEU B 138 -16.82 7.65 18.22
C LEU B 138 -18.16 6.94 18.20
N ASP B 139 -18.14 5.65 18.50
CA ASP B 139 -19.34 4.86 18.73
C ASP B 139 -19.96 5.24 20.06
N LEU B 140 -21.20 4.81 20.29
CA LEU B 140 -21.88 5.05 21.57
C LEU B 140 -21.73 3.87 22.53
N ASP B 141 -21.28 2.73 22.02
CA ASP B 141 -21.07 1.54 22.85
C ASP B 141 -19.67 1.49 23.46
N LEU B 142 -19.08 2.66 23.68
CA LEU B 142 -17.75 2.77 24.27
C LEU B 142 -17.81 3.12 25.75
N LYS B 143 -16.71 2.85 26.46
CA LYS B 143 -16.51 3.39 27.81
C LYS B 143 -15.10 3.96 27.92
N TYR B 144 -15.03 5.27 28.17
CA TYR B 144 -13.77 5.98 28.26
C TYR B 144 -13.15 5.82 29.64
N LYS B 145 -11.85 5.53 29.69
CA LYS B 145 -11.17 5.30 30.97
C LYS B 145 -9.97 6.22 31.21
N THR B 146 -9.74 7.15 30.29
CA THR B 146 -8.75 8.21 30.47
C THR B 146 -9.32 9.55 30.00
N ASN B 147 -8.48 10.58 29.99
CA ASN B 147 -8.85 11.89 29.48
C ASN B 147 -8.83 11.87 27.95
N ILE B 148 -9.95 12.26 27.34
CA ILE B 148 -10.11 12.25 25.88
C ILE B 148 -9.08 13.14 25.16
N ARG B 149 -8.56 14.13 25.87
CA ARG B 149 -7.59 15.08 25.34
C ARG B 149 -6.31 14.41 24.82
N GLU B 150 -5.83 13.39 25.53
CA GLU B 150 -4.60 12.69 25.14
C GLU B 150 -4.77 11.80 23.90
N LEU B 151 -6.01 11.57 23.47
CA LEU B 151 -6.27 10.90 22.21
C LEU B 151 -6.02 11.85 21.03
N PHE B 152 -6.28 13.14 21.25
CA PHE B 152 -5.96 14.17 20.27
C PHE B 152 -4.46 14.33 20.07
N GLU B 153 -3.68 13.95 21.10
CA GLU B 153 -2.22 13.93 21.03
C GLU B 153 -1.71 12.93 19.99
N GLU B 154 -2.47 11.84 19.81
CA GLU B 154 -2.11 10.78 18.87
C GLU B 154 -2.19 11.20 17.40
N PHE B 155 -2.74 12.38 17.14
CA PHE B 155 -2.72 12.98 15.80
C PHE B 155 -1.30 13.33 15.39
N ASP B 156 -0.47 13.69 16.37
CA ASP B 156 0.92 14.06 16.15
C ASP B 156 1.84 12.82 16.07
N ASN B 157 1.22 11.65 15.97
CA ASN B 157 1.94 10.39 15.80
C ASN B 157 1.77 9.83 14.39
N PHE B 158 0.97 10.53 13.58
CA PHE B 158 0.76 10.18 12.17
C PHE B 158 2.07 10.31 11.41
N LEU B 159 2.50 9.21 10.79
CA LEU B 159 3.62 9.26 9.85
C LEU B 159 3.16 10.00 8.60
N PRO B 160 4.10 10.56 7.81
CA PRO B 160 3.68 11.27 6.60
C PRO B 160 2.89 10.37 5.65
N GLY B 161 1.82 10.92 5.06
CA GLY B 161 0.95 10.15 4.19
C GLY B 161 -0.31 9.67 4.89
N ALA B 162 -0.19 9.40 6.19
CA ALA B 162 -1.33 8.95 7.00
C ALA B 162 -2.37 10.05 7.16
N VAL B 163 -3.63 9.67 6.92
CA VAL B 163 -4.74 10.61 6.97
C VAL B 163 -5.76 10.25 8.06
N ILE B 164 -5.77 8.98 8.46
CA ILE B 164 -6.72 8.46 9.45
C ILE B 164 -6.05 7.61 10.52
N GLY B 165 -6.38 7.87 11.78
CA GLY B 165 -5.93 7.05 12.89
C GLY B 165 -7.03 6.08 13.28
N ILE B 166 -6.69 4.79 13.27
CA ILE B 166 -7.68 3.74 13.47
C ILE B 166 -7.05 2.50 14.12
N ALA B 167 -7.74 1.95 15.13
CA ALA B 167 -7.28 0.74 15.80
C ALA B 167 -7.66 -0.51 15.01
N ARG B 168 -7.03 -1.63 15.35
CA ARG B 168 -7.23 -2.88 14.63
C ARG B 168 -8.47 -3.65 15.10
N GLU B 169 -9.08 -4.40 14.18
CA GLU B 169 -10.21 -5.26 14.49
C GLU B 169 -9.74 -6.48 15.28
N MET B 170 -10.28 -6.65 16.48
CA MET B 170 -9.82 -7.67 17.42
C MET B 170 -10.65 -8.95 17.38
N GLN B 171 -11.18 -9.26 16.20
CA GLN B 171 -11.90 -10.50 15.96
C GLN B 171 -11.54 -11.03 14.58
N PRO B 172 -11.62 -12.36 14.39
CA PRO B 172 -11.40 -12.97 13.06
C PRO B 172 -12.53 -12.67 12.05
N VAL B 173 -13.05 -11.44 12.08
CA VAL B 173 -14.10 -10.99 11.17
C VAL B 173 -13.64 -11.05 9.72
N TYR B 174 -12.46 -10.48 9.46
CA TYR B 174 -11.95 -10.34 8.10
C TYR B 174 -11.25 -11.59 7.57
N ARG B 175 -11.01 -12.55 8.46
CA ARG B 175 -10.59 -13.89 8.04
C ARG B 175 -11.68 -14.47 7.14
N HIS B 176 -12.93 -14.25 7.54
CA HIS B 176 -14.08 -14.71 6.75
C HIS B 176 -14.36 -13.82 5.57
N THR B 177 -14.42 -12.51 5.80
CA THR B 177 -14.72 -11.54 4.74
C THR B 177 -13.76 -11.68 3.54
N PHE B 178 -12.49 -11.94 3.83
CA PHE B 178 -11.48 -12.12 2.79
C PHE B 178 -11.30 -13.60 2.39
N TRP B 179 -12.29 -14.44 2.69
CA TRP B 179 -12.18 -15.89 2.44
C TRP B 179 -11.60 -16.25 1.10
N GLN B 180 -12.19 -15.73 0.02
CA GLN B 180 -11.82 -16.15 -1.34
C GLN B 180 -10.40 -15.76 -1.71
N PHE B 181 -10.01 -14.53 -1.33
CA PHE B 181 -8.66 -14.03 -1.57
C PHE B 181 -7.64 -14.88 -0.82
N ARG B 182 -7.96 -15.19 0.44
CA ARG B 182 -7.10 -16.02 1.29
C ARG B 182 -7.02 -17.46 0.77
N HIS B 183 -8.09 -17.89 0.11
CA HIS B 183 -8.14 -19.22 -0.53
C HIS B 183 -7.27 -19.27 -1.75
N GLU B 184 -7.31 -18.20 -2.55
CA GLU B 184 -6.54 -18.11 -3.79
C GLU B 184 -5.07 -17.74 -3.53
N ASN B 185 -4.83 -17.02 -2.44
CA ASN B 185 -3.48 -16.60 -2.06
C ASN B 185 -3.13 -17.11 -0.66
N PRO B 186 -2.71 -18.38 -0.55
CA PRO B 186 -2.49 -19.04 0.74
C PRO B 186 -1.47 -18.35 1.66
N LYS B 187 -0.43 -17.76 1.07
CA LYS B 187 0.63 -17.11 1.83
C LYS B 187 0.32 -15.68 2.31
N THR B 188 -0.83 -15.15 1.90
CA THR B 188 -1.22 -13.78 2.22
C THR B 188 -1.29 -13.49 3.73
N ARG B 189 -1.18 -12.21 4.08
CA ARG B 189 -1.29 -11.77 5.47
C ARG B 189 -2.58 -11.01 5.74
N VAL B 190 -3.42 -10.88 4.72
CA VAL B 190 -4.73 -10.24 4.88
C VAL B 190 -5.65 -11.16 5.69
N GLY B 191 -6.27 -10.61 6.72
CA GLY B 191 -7.11 -11.39 7.63
C GLY B 191 -6.34 -12.10 8.73
N ASP B 192 -5.04 -12.26 8.54
CA ASP B 192 -4.16 -12.91 9.53
C ASP B 192 -4.00 -12.08 10.80
N PRO B 193 -3.75 -12.74 11.95
CA PRO B 193 -3.66 -12.03 13.24
C PRO B 193 -2.34 -11.29 13.45
N PRO B 194 -2.33 -10.29 14.37
CA PRO B 194 -1.13 -9.56 14.80
C PRO B 194 -0.09 -10.48 15.47
N PRO B 195 1.17 -10.02 15.55
CA PRO B 195 1.67 -8.73 15.06
C PRO B 195 2.11 -8.76 13.59
N GLU B 196 2.24 -9.96 13.03
CA GLU B 196 2.74 -10.13 11.67
C GLU B 196 1.68 -9.82 10.60
N GLY B 197 0.46 -10.31 10.80
CA GLY B 197 -0.59 -10.21 9.81
C GLY B 197 -1.44 -8.95 9.89
N LEU B 198 -2.27 -8.75 8.88
CA LEU B 198 -3.17 -7.60 8.80
C LEU B 198 -4.60 -8.04 9.14
N PRO B 199 -5.06 -7.75 10.36
CA PRO B 199 -6.35 -8.24 10.83
C PRO B 199 -7.55 -7.38 10.40
N GLY B 200 -7.25 -6.22 9.83
CA GLY B 200 -8.29 -5.25 9.47
C GLY B 200 -8.52 -4.25 10.59
N PHE B 201 -9.32 -3.23 10.32
CA PHE B 201 -9.58 -2.17 11.29
C PHE B 201 -10.96 -2.27 11.90
N ASN B 202 -11.13 -1.62 13.06
CA ASN B 202 -12.43 -1.43 13.70
C ASN B 202 -12.76 0.06 13.74
N SER B 203 -13.99 0.40 13.34
CA SER B 203 -14.39 1.79 13.19
C SER B 203 -14.89 2.47 14.47
N GLY B 204 -14.73 1.79 15.60
CA GLY B 204 -15.20 2.30 16.90
C GLY B 204 -14.62 3.64 17.30
N VAL B 205 -13.30 3.74 17.23
CA VAL B 205 -12.59 5.00 17.46
C VAL B 205 -11.78 5.34 16.22
N MET B 206 -12.14 6.45 15.57
CA MET B 206 -11.47 6.89 14.36
C MET B 206 -10.99 8.33 14.45
N LEU B 207 -9.68 8.52 14.37
CA LEU B 207 -9.10 9.85 14.30
C LEU B 207 -9.09 10.30 12.85
N LEU B 208 -9.97 11.24 12.52
CA LEU B 208 -10.12 11.70 11.15
C LEU B 208 -9.47 13.07 10.95
N ASN B 209 -8.25 13.06 10.44
CA ASN B 209 -7.55 14.29 10.08
C ASN B 209 -8.06 14.77 8.73
N LEU B 210 -9.02 15.69 8.77
CA LEU B 210 -9.78 16.12 7.60
C LEU B 210 -8.94 16.84 6.56
N GLU B 211 -8.06 17.74 7.01
CA GLU B 211 -7.18 18.48 6.10
C GLU B 211 -6.15 17.56 5.42
N ALA B 212 -5.78 16.49 6.11
CA ALA B 212 -4.87 15.49 5.56
C ALA B 212 -5.52 14.68 4.43
N MET B 213 -6.81 14.40 4.57
CA MET B 213 -7.59 13.72 3.54
C MET B 213 -7.83 14.64 2.35
N ARG B 214 -8.01 15.94 2.64
CA ARG B 214 -8.16 16.95 1.61
C ARG B 214 -6.89 17.08 0.77
N GLN B 215 -5.74 17.17 1.45
CA GLN B 215 -4.45 17.37 0.80
C GLN B 215 -3.94 16.13 0.07
N SER B 216 -4.33 14.94 0.54
CA SER B 216 -3.92 13.68 -0.06
C SER B 216 -4.63 13.44 -1.40
N PRO B 217 -3.86 13.38 -2.51
CA PRO B 217 -4.47 13.06 -3.80
C PRO B 217 -4.84 11.58 -3.90
N LEU B 218 -4.08 10.73 -3.21
CA LEU B 218 -4.29 9.28 -3.21
C LEU B 218 -5.62 8.88 -2.57
N TYR B 219 -5.90 9.45 -1.39
CA TYR B 219 -7.12 9.11 -0.65
C TYR B 219 -8.39 9.45 -1.44
N SER B 220 -8.41 10.63 -2.05
CA SER B 220 -9.54 11.09 -2.84
C SER B 220 -9.80 10.19 -4.05
N HIS B 221 -8.73 9.63 -4.60
CA HIS B 221 -8.84 8.67 -5.72
C HIS B 221 -9.45 7.37 -5.29
N LEU B 222 -9.27 7.01 -4.02
CA LEU B 222 -9.82 5.78 -3.48
C LEU B 222 -11.32 5.87 -3.18
N LEU B 223 -11.90 7.04 -3.46
CA LEU B 223 -13.35 7.24 -3.36
C LEU B 223 -14.02 7.18 -4.73
N GLU B 224 -13.20 7.24 -5.78
CA GLU B 224 -13.70 7.14 -7.16
C GLU B 224 -14.14 5.71 -7.49
N PRO B 225 -15.31 5.58 -8.14
CA PRO B 225 -15.93 4.29 -8.47
C PRO B 225 -15.01 3.29 -9.18
N SER B 226 -14.11 3.78 -10.03
CA SER B 226 -13.20 2.93 -10.78
C SER B 226 -12.21 2.20 -9.87
N TRP B 227 -11.70 2.92 -8.87
CA TRP B 227 -10.69 2.41 -7.95
C TRP B 227 -11.26 1.42 -6.97
N VAL B 228 -12.42 1.74 -6.43
CA VAL B 228 -13.11 0.89 -5.44
C VAL B 228 -13.48 -0.46 -6.07
N GLN B 229 -14.05 -0.40 -7.27
CA GLN B 229 -14.46 -1.59 -8.00
C GLN B 229 -13.28 -2.53 -8.27
N GLN B 230 -12.17 -1.95 -8.70
CA GLN B 230 -10.96 -2.72 -9.02
C GLN B 230 -10.40 -3.42 -7.78
N LEU B 231 -10.43 -2.73 -6.64
CA LEU B 231 -9.98 -3.31 -5.37
C LEU B 231 -10.97 -4.31 -4.81
N ALA B 232 -12.27 -4.05 -5.00
CA ALA B 232 -13.31 -4.98 -4.61
C ALA B 232 -13.23 -6.27 -5.43
N ASP B 233 -12.87 -6.14 -6.70
CA ASP B 233 -12.66 -7.28 -7.58
C ASP B 233 -11.40 -8.07 -7.18
N LYS B 234 -10.38 -7.34 -6.75
CA LYS B 234 -9.12 -7.92 -6.29
C LYS B 234 -9.32 -8.76 -5.04
N TYR B 235 -9.93 -8.16 -4.03
CA TYR B 235 -10.09 -8.80 -2.72
C TYR B 235 -11.38 -9.60 -2.60
N HIS B 236 -12.15 -9.67 -3.69
CA HIS B 236 -13.47 -10.32 -3.72
C HIS B 236 -14.32 -9.85 -2.57
N PHE B 237 -14.45 -8.53 -2.46
CA PHE B 237 -15.05 -7.92 -1.28
C PHE B 237 -16.55 -7.69 -1.39
N ARG B 238 -17.29 -8.31 -0.46
CA ARG B 238 -18.72 -8.08 -0.29
C ARG B 238 -19.04 -8.05 1.21
N GLY B 239 -18.66 -6.94 1.85
CA GLY B 239 -18.84 -6.80 3.29
C GLY B 239 -20.20 -6.26 3.69
N HIS B 240 -20.38 -6.03 4.99
CA HIS B 240 -21.65 -5.59 5.56
C HIS B 240 -21.46 -4.65 6.72
N LEU B 241 -20.24 -4.14 6.88
CA LEU B 241 -19.90 -3.34 8.06
C LEU B 241 -19.60 -1.86 7.75
N GLY B 242 -20.06 -1.39 6.60
CA GLY B 242 -19.99 0.02 6.23
C GLY B 242 -18.58 0.54 6.04
N ASP B 243 -18.31 1.71 6.62
CA ASP B 243 -17.01 2.39 6.49
C ASP B 243 -15.83 1.55 6.97
N GLN B 244 -16.07 0.74 7.99
CA GLN B 244 -15.06 -0.16 8.54
C GLN B 244 -14.50 -1.10 7.48
N ASP B 245 -15.40 -1.65 6.66
CA ASP B 245 -15.03 -2.52 5.54
C ASP B 245 -14.26 -1.77 4.46
N PHE B 246 -14.69 -0.53 4.17
CA PHE B 246 -14.01 0.31 3.19
C PHE B 246 -12.59 0.64 3.64
N PHE B 247 -12.45 1.06 4.90
CA PHE B 247 -11.15 1.41 5.48
C PHE B 247 -10.23 0.20 5.59
N THR B 248 -10.80 -0.96 5.94
CA THR B 248 -10.04 -2.19 6.00
C THR B 248 -9.47 -2.55 4.62
N MET B 249 -10.33 -2.53 3.60
CA MET B 249 -9.93 -2.92 2.25
C MET B 249 -8.86 -2.02 1.64
N ILE B 250 -9.08 -0.70 1.69
CA ILE B 250 -8.09 0.26 1.16
C ILE B 250 -6.83 0.28 2.03
N GLY B 251 -7.00 -0.08 3.31
CA GLY B 251 -5.89 -0.22 4.24
C GLY B 251 -5.00 -1.42 3.93
N MET B 252 -5.57 -2.42 3.27
CA MET B 252 -4.80 -3.57 2.79
C MET B 252 -3.90 -3.17 1.64
N GLU B 253 -4.47 -2.44 0.68
CA GLU B 253 -3.75 -1.99 -0.50
C GLU B 253 -2.76 -0.86 -0.19
N HIS B 254 -3.17 0.06 0.69
CA HIS B 254 -2.33 1.18 1.08
C HIS B 254 -2.31 1.38 2.58
N PRO B 255 -1.41 0.65 3.28
CA PRO B 255 -1.28 0.77 4.74
C PRO B 255 -0.77 2.14 5.18
N GLU B 256 -0.06 2.84 4.29
CA GLU B 256 0.56 4.13 4.60
C GLU B 256 -0.44 5.25 4.92
N LEU B 257 -1.68 5.08 4.50
CA LEU B 257 -2.73 6.08 4.71
C LEU B 257 -3.29 6.08 6.13
N PHE B 258 -2.98 5.04 6.89
CA PHE B 258 -3.53 4.89 8.23
C PHE B 258 -2.46 4.84 9.30
N HIS B 259 -2.65 5.63 10.36
CA HIS B 259 -1.87 5.48 11.57
C HIS B 259 -2.54 4.45 12.42
N VAL B 260 -1.99 3.24 12.41
CA VAL B 260 -2.58 2.12 13.15
C VAL B 260 -2.49 2.41 14.65
N LEU B 261 -3.62 2.84 15.21
CA LEU B 261 -3.74 3.20 16.61
C LEU B 261 -3.53 1.99 17.51
N ASP B 262 -3.07 2.24 18.74
CA ASP B 262 -2.80 1.15 19.70
C ASP B 262 -4.10 0.52 20.19
N CYS B 263 -4.06 -0.79 20.43
CA CYS B 263 -5.25 -1.58 20.79
C CYS B 263 -5.91 -1.14 22.09
N THR B 264 -5.12 -0.57 23.01
CA THR B 264 -5.63 -0.08 24.29
C THR B 264 -6.60 1.09 24.12
N TRP B 265 -6.53 1.77 22.97
CA TRP B 265 -7.41 2.90 22.67
C TRP B 265 -8.78 2.49 22.16
N ASN B 266 -8.92 1.23 21.75
CA ASN B 266 -10.20 0.72 21.27
C ASN B 266 -10.38 -0.77 21.62
N ARG B 267 -10.24 -1.08 22.90
CA ARG B 267 -10.33 -2.45 23.40
C ARG B 267 -11.72 -3.06 23.20
N GLN B 268 -11.86 -3.83 22.12
CA GLN B 268 -13.11 -4.49 21.78
C GLN B 268 -13.33 -5.71 22.68
N LEU B 269 -14.58 -5.91 23.09
CA LEU B 269 -14.92 -6.98 24.03
C LEU B 269 -15.76 -8.09 23.43
N CYS B 270 -16.31 -7.85 22.23
CA CYS B 270 -17.17 -8.84 21.56
C CYS B 270 -16.46 -10.18 21.38
N THR B 271 -17.21 -11.24 21.62
CA THR B 271 -16.69 -12.60 21.64
C THR B 271 -17.39 -13.44 20.55
N TRP B 272 -18.42 -12.86 19.97
CA TRP B 272 -19.30 -13.51 18.98
C TRP B 272 -18.64 -14.53 18.08
N TRP B 273 -17.53 -14.14 17.45
CA TRP B 273 -16.86 -15.00 16.46
C TRP B 273 -16.21 -16.23 17.04
N ARG B 274 -15.91 -16.20 18.33
CA ARG B 274 -15.36 -17.35 19.05
C ARG B 274 -16.36 -18.49 19.08
N ASP B 275 -17.63 -18.16 19.33
CA ASP B 275 -18.68 -19.16 19.54
C ASP B 275 -19.39 -19.56 18.24
N HIS B 276 -18.79 -19.22 17.10
CA HIS B 276 -19.39 -19.51 15.80
C HIS B 276 -18.49 -20.25 14.84
N GLY B 277 -17.39 -20.79 15.35
CA GLY B 277 -16.51 -21.66 14.56
C GLY B 277 -15.15 -21.11 14.23
N TYR B 278 -14.79 -19.99 14.85
CA TYR B 278 -13.49 -19.36 14.65
C TYR B 278 -12.81 -19.23 16.01
N SER B 279 -12.87 -20.32 16.78
CA SER B 279 -12.43 -20.34 18.17
C SER B 279 -10.98 -20.75 18.35
N ASP B 280 -10.46 -21.51 17.39
CA ASP B 280 -9.08 -22.01 17.43
C ASP B 280 -8.06 -20.88 17.37
N VAL B 281 -8.37 -19.86 16.58
CA VAL B 281 -7.44 -18.73 16.34
C VAL B 281 -7.92 -17.41 16.97
N PHE B 282 -9.05 -17.45 17.67
CA PHE B 282 -9.70 -16.24 18.20
C PHE B 282 -8.80 -15.37 19.08
N GLN B 283 -8.18 -15.98 20.07
CA GLN B 283 -7.38 -15.25 21.07
C GLN B 283 -6.22 -14.48 20.45
N ALA B 284 -5.71 -14.97 19.32
CA ALA B 284 -4.65 -14.29 18.58
C ALA B 284 -5.08 -12.91 18.09
N TYR B 285 -6.36 -12.77 17.73
CA TYR B 285 -6.94 -11.51 17.33
C TYR B 285 -7.38 -10.69 18.53
N PHE B 286 -8.00 -11.37 19.50
CA PHE B 286 -8.65 -10.71 20.64
C PHE B 286 -7.67 -10.14 21.67
N ARG B 287 -6.47 -10.72 21.74
CA ARG B 287 -5.47 -10.35 22.74
C ARG B 287 -5.01 -8.90 22.59
N CYS B 288 -5.09 -8.17 23.70
CA CYS B 288 -4.59 -6.79 23.78
C CYS B 288 -4.08 -6.52 25.19
N GLU B 289 -2.77 -6.67 25.38
CA GLU B 289 -2.15 -6.44 26.67
C GLU B 289 -1.70 -4.99 26.82
N GLY B 290 -1.91 -4.45 28.02
CA GLY B 290 -1.57 -3.07 28.33
C GLY B 290 -2.60 -2.44 29.25
N HIS B 291 -2.63 -1.11 29.26
CA HIS B 291 -3.60 -0.36 30.06
C HIS B 291 -4.67 0.20 29.17
N VAL B 292 -5.87 -0.37 29.28
CA VAL B 292 -7.00 0.03 28.44
C VAL B 292 -7.36 1.51 28.62
N LYS B 293 -7.27 2.25 27.52
CA LYS B 293 -7.60 3.68 27.49
C LYS B 293 -9.10 3.86 27.25
N ILE B 294 -9.65 3.10 26.29
CA ILE B 294 -11.09 3.08 26.03
C ILE B 294 -11.58 1.65 25.83
N TYR B 295 -12.66 1.29 26.53
CA TYR B 295 -13.34 0.02 26.31
C TYR B 295 -14.37 0.13 25.20
N HIS B 296 -14.49 -0.92 24.40
CA HIS B 296 -15.49 -1.00 23.34
C HIS B 296 -16.41 -2.15 23.63
N GLY B 297 -17.69 -1.85 23.85
CA GLY B 297 -18.67 -2.88 24.13
C GLY B 297 -19.47 -3.26 22.90
N ASN B 298 -18.78 -3.77 21.88
CA ASN B 298 -19.45 -4.15 20.64
C ASN B 298 -20.27 -5.45 20.71
N CYS B 299 -21.09 -5.65 19.67
CA CYS B 299 -22.17 -6.65 19.63
C CYS B 299 -23.01 -6.70 20.91
N ASN B 300 -23.20 -5.52 21.52
CA ASN B 300 -23.98 -5.35 22.75
C ASN B 300 -23.33 -5.96 24.00
N THR B 301 -22.06 -6.35 23.89
CA THR B 301 -21.33 -6.94 25.03
C THR B 301 -21.22 -5.94 26.18
N PRO B 302 -21.66 -6.34 27.38
CA PRO B 302 -21.53 -5.51 28.58
C PRO B 302 -20.09 -5.14 28.92
N ILE B 303 -19.92 -3.95 29.49
CA ILE B 303 -18.61 -3.45 29.89
C ILE B 303 -18.51 -3.45 31.43
N PRO B 304 -17.45 -4.06 31.99
CA PRO B 304 -17.25 -4.07 33.44
C PRO B 304 -16.81 -2.70 33.96
#